data_1RT8
#
_entry.id   1RT8
#
_cell.length_a   84.243
_cell.length_b   84.243
_cell.length_c   150.819
_cell.angle_alpha   90.0
_cell.angle_beta   90.0
_cell.angle_gamma   120.0
#
_symmetry.space_group_name_H-M   'P 31 2 1'
#
loop_
_entity.id
_entity.type
_entity.pdbx_description
1 polymer fimbrin
2 non-polymer 'SULFATE ION'
3 water water
#
_entity_poly.entity_id   1
_entity_poly.type   'polypeptide(L)'
_entity_poly.pdbx_seq_one_letter_code
;GSPEFMHTINEEERREFIKHINSVLAGDPDVGSRVPINTETFEFFDQCKDGLILSKLINDSVPDTIDERVLNKQRNNKPL
DNFKCIENNNVVINSAKAMGGISITNIGAGDILEGREHLILGLVWQIIRRGLLGKIDITLHPELYRLLEEDETLDQFLRL
PPEKILLRWFNYHLKAANWPRTVSNFSKDVSDGENYTVLLNQLAPELCSRAPLQTTDVLQRAEQVLQNAEKLDCRKYLTP
TAMVAGNPKLNLAFVAHLFNTHPGLEPLNEEEKPEIEPFDAEGEREARVFTLWLNSLDVTPSIHDFFNNLRDGLILLQAY
DKITPNTVNWKKVNKAPASGDEMMRFKAVENCNYAVDLGKNQGFSLVGIQGADITDGSRTLTLALVWQMMRMNITKTLHS
LSRGGKTLSDSDMVAWANSMAAKGGKGSQIRSFRDPSISTGVFVLDVLHGIKSEYVDYNLVTDGSTEELAIQNARLAISI
ARKLGAVIFILPEDIVAVRPRLVLHFIGSLMAV
;
_entity_poly.pdbx_strand_id   A
#
# COMPACT_ATOMS: atom_id res chain seq x y z
N ILE A 9 -11.06 9.64 -20.03
CA ILE A 9 -11.37 9.68 -18.56
C ILE A 9 -12.87 9.59 -18.30
N ASN A 10 -13.24 8.80 -17.30
CA ASN A 10 -14.63 8.60 -16.93
C ASN A 10 -15.21 9.81 -16.16
N GLU A 11 -16.27 10.38 -16.72
CA GLU A 11 -16.93 11.56 -16.14
C GLU A 11 -17.33 11.40 -14.68
N GLU A 12 -18.02 10.31 -14.35
CA GLU A 12 -18.47 10.09 -12.98
C GLU A 12 -17.34 9.87 -12.00
N GLU A 13 -16.38 9.03 -12.39
CA GLU A 13 -15.24 8.76 -11.51
C GLU A 13 -14.59 10.08 -11.12
N ARG A 14 -14.34 10.94 -12.10
CA ARG A 14 -13.72 12.22 -11.83
C ARG A 14 -14.60 13.06 -10.89
N ARG A 15 -15.89 13.15 -11.21
CA ARG A 15 -16.79 13.93 -10.38
C ARG A 15 -16.85 13.42 -8.95
N GLU A 16 -17.18 12.14 -8.79
CA GLU A 16 -17.29 11.54 -7.47
C GLU A 16 -15.98 11.58 -6.69
N PHE A 17 -14.86 11.26 -7.34
CA PHE A 17 -13.57 11.28 -6.63
C PHE A 17 -13.29 12.69 -6.10
N ILE A 18 -13.52 13.70 -6.93
CA ILE A 18 -13.30 15.07 -6.48
C ILE A 18 -14.22 15.42 -5.33
N LYS A 19 -15.47 14.94 -5.39
CA LYS A 19 -16.42 15.21 -4.31
C LYS A 19 -15.90 14.59 -3.02
N HIS A 20 -15.41 13.36 -3.11
CA HIS A 20 -14.88 12.69 -1.93
C HIS A 20 -13.70 13.49 -1.38
N ILE A 21 -12.87 14.00 -2.27
CA ILE A 21 -11.71 14.77 -1.85
C ILE A 21 -12.14 16.08 -1.21
N ASN A 22 -13.24 16.65 -1.70
CA ASN A 22 -13.77 17.90 -1.15
C ASN A 22 -14.19 17.74 0.31
N SER A 23 -14.89 16.66 0.61
CA SER A 23 -15.35 16.43 1.97
C SER A 23 -14.22 16.05 2.93
N VAL A 24 -13.22 15.36 2.42
CA VAL A 24 -12.09 14.94 3.25
C VAL A 24 -11.16 16.12 3.56
N LEU A 25 -10.96 17.01 2.58
CA LEU A 25 -10.09 18.16 2.77
C LEU A 25 -10.86 19.36 3.32
N ALA A 26 -12.19 19.19 3.39
CA ALA A 26 -13.13 20.19 3.90
C ALA A 26 -12.51 21.48 4.43
N GLY A 27 -12.13 21.45 5.69
CA GLY A 27 -11.53 22.64 6.29
C GLY A 27 -10.09 22.42 6.70
N ASP A 28 -9.31 21.82 5.80
CA ASP A 28 -7.90 21.58 6.08
C ASP A 28 -7.14 22.89 6.06
N PRO A 29 -6.40 23.19 7.15
CA PRO A 29 -5.60 24.41 7.30
C PRO A 29 -4.66 24.76 6.16
N ASP A 30 -4.09 23.73 5.53
CA ASP A 30 -3.14 23.94 4.45
C ASP A 30 -3.75 24.06 3.06
N VAL A 31 -4.77 23.25 2.76
CA VAL A 31 -5.39 23.29 1.45
C VAL A 31 -6.82 23.81 1.51
N GLY A 32 -7.18 24.37 2.66
CA GLY A 32 -8.53 24.91 2.83
C GLY A 32 -8.86 25.99 1.83
N SER A 33 -7.87 26.78 1.47
CA SER A 33 -8.04 27.88 0.53
C SER A 33 -8.47 27.45 -0.88
N ARG A 34 -8.70 26.17 -1.07
CA ARG A 34 -9.10 25.67 -2.39
C ARG A 34 -9.98 24.43 -2.34
N VAL A 35 -10.30 23.97 -1.14
CA VAL A 35 -11.11 22.77 -0.93
C VAL A 35 -12.25 22.61 -1.93
N PRO A 36 -13.25 23.53 -1.90
CA PRO A 36 -14.36 23.39 -2.84
C PRO A 36 -13.88 23.40 -4.31
N ILE A 37 -13.43 22.24 -4.80
CA ILE A 37 -12.94 22.14 -6.16
C ILE A 37 -14.08 21.76 -7.11
N ASN A 38 -14.15 22.42 -8.25
CA ASN A 38 -15.20 22.16 -9.23
C ASN A 38 -15.14 20.72 -9.71
N THR A 39 -16.32 20.08 -9.80
CA THR A 39 -16.39 18.69 -10.22
C THR A 39 -16.58 18.51 -11.73
N GLU A 40 -16.48 19.61 -12.49
CA GLU A 40 -16.68 19.53 -13.94
C GLU A 40 -15.56 20.15 -14.77
N THR A 41 -14.32 20.19 -14.25
CA THR A 41 -13.22 20.79 -15.00
C THR A 41 -11.82 20.27 -14.66
N PHE A 42 -10.84 20.68 -15.47
CA PHE A 42 -9.43 20.30 -15.28
C PHE A 42 -9.00 20.81 -13.91
N GLU A 43 -9.58 21.92 -13.47
CA GLU A 43 -9.28 22.54 -12.18
C GLU A 43 -8.52 21.62 -11.23
N PHE A 44 -9.13 20.48 -10.93
CA PHE A 44 -8.57 19.50 -10.03
C PHE A 44 -7.13 19.07 -10.32
N PHE A 45 -6.85 18.69 -11.56
CA PHE A 45 -5.52 18.22 -11.90
C PHE A 45 -4.45 19.30 -11.76
N ASP A 46 -4.83 20.55 -11.98
CA ASP A 46 -3.88 21.65 -11.82
C ASP A 46 -3.64 21.84 -10.34
N GLN A 47 -4.70 21.63 -9.56
CA GLN A 47 -4.62 21.77 -8.11
C GLN A 47 -3.80 20.63 -7.50
N CYS A 48 -3.54 19.58 -8.27
CA CYS A 48 -2.79 18.44 -7.77
C CYS A 48 -1.28 18.52 -8.04
N LYS A 49 -0.88 19.51 -8.85
CA LYS A 49 0.51 19.69 -9.23
C LYS A 49 1.56 19.87 -8.14
N ASP A 50 1.20 20.53 -7.03
CA ASP A 50 2.21 20.73 -6.00
C ASP A 50 2.25 19.65 -4.94
N GLY A 51 1.56 18.54 -5.19
CA GLY A 51 1.56 17.42 -4.26
C GLY A 51 0.87 17.53 -2.91
N LEU A 52 0.39 18.70 -2.52
CA LEU A 52 -0.26 18.87 -1.22
C LEU A 52 -1.58 18.08 -1.09
N ILE A 53 -2.47 18.25 -2.06
CA ILE A 53 -3.75 17.56 -2.05
C ILE A 53 -3.55 16.05 -1.99
N LEU A 54 -2.65 15.54 -2.83
CA LEU A 54 -2.38 14.10 -2.84
C LEU A 54 -1.81 13.61 -1.52
N SER A 55 -0.89 14.38 -0.94
CA SER A 55 -0.28 14.01 0.34
C SER A 55 -1.36 13.94 1.41
N LYS A 56 -2.30 14.89 1.35
CA LYS A 56 -3.41 14.92 2.30
C LYS A 56 -4.31 13.68 2.09
N LEU A 57 -4.59 13.35 0.85
CA LEU A 57 -5.43 12.19 0.56
C LEU A 57 -4.76 10.92 1.12
N ILE A 58 -3.45 10.84 0.96
CA ILE A 58 -2.69 9.71 1.48
C ILE A 58 -2.83 9.54 2.99
N ASN A 59 -2.76 10.65 3.73
CA ASN A 59 -2.88 10.56 5.18
C ASN A 59 -4.32 10.28 5.64
N ASP A 60 -5.29 10.56 4.78
CA ASP A 60 -6.68 10.27 5.11
C ASP A 60 -6.89 8.77 4.91
N SER A 61 -6.32 8.23 3.84
CA SER A 61 -6.45 6.81 3.56
C SER A 61 -5.71 5.97 4.58
N VAL A 62 -4.46 6.34 4.88
CA VAL A 62 -3.66 5.61 5.86
C VAL A 62 -2.97 6.64 6.75
N PRO A 63 -3.63 6.99 7.86
CA PRO A 63 -3.12 7.96 8.83
C PRO A 63 -1.64 7.84 9.19
N ASP A 64 -0.97 8.99 9.27
CA ASP A 64 0.44 9.06 9.65
C ASP A 64 1.45 8.53 8.65
N THR A 65 1.06 8.39 7.39
CA THR A 65 2.00 7.90 6.39
C THR A 65 3.02 9.00 6.10
N ILE A 66 2.54 10.24 6.05
CA ILE A 66 3.41 11.37 5.76
C ILE A 66 3.45 12.38 6.90
N ASP A 67 4.66 12.78 7.31
CA ASP A 67 4.84 13.79 8.35
C ASP A 67 4.76 15.03 7.48
N GLU A 68 3.61 15.70 7.50
CA GLU A 68 3.41 16.88 6.67
C GLU A 68 4.39 18.02 6.85
N ARG A 69 5.16 18.01 7.93
CA ARG A 69 6.12 19.08 8.12
C ARG A 69 7.28 19.02 7.12
N VAL A 70 7.32 17.97 6.29
CA VAL A 70 8.39 17.87 5.27
C VAL A 70 7.94 18.50 3.96
N LEU A 71 6.64 18.75 3.84
CA LEU A 71 6.08 19.34 2.62
C LEU A 71 6.23 20.85 2.54
N ASN A 72 6.51 21.35 1.34
CA ASN A 72 6.61 22.78 1.11
C ASN A 72 5.15 23.22 1.08
N LYS A 73 4.78 24.19 1.90
CA LYS A 73 3.39 24.60 1.99
C LYS A 73 2.93 25.96 1.49
N GLN A 74 3.31 26.34 0.28
CA GLN A 74 2.89 27.64 -0.25
C GLN A 74 2.02 27.44 -1.50
N ARG A 75 0.78 27.95 -1.45
CA ARG A 75 -0.14 27.80 -2.58
C ARG A 75 -0.14 29.05 -3.46
N PRO A 79 0.91 29.40 -6.45
CA PRO A 79 2.19 29.30 -7.15
C PRO A 79 3.34 28.84 -6.24
N LEU A 80 3.79 27.61 -6.49
CA LEU A 80 4.88 27.00 -5.76
C LEU A 80 5.82 26.67 -6.92
N ASP A 81 7.11 27.04 -6.81
CA ASP A 81 8.03 26.77 -7.91
C ASP A 81 8.16 25.27 -8.20
N ASN A 82 8.53 24.92 -9.43
CA ASN A 82 8.66 23.52 -9.83
C ASN A 82 9.51 22.70 -8.86
N PHE A 83 10.67 23.25 -8.50
CA PHE A 83 11.58 22.58 -7.58
C PHE A 83 10.88 22.11 -6.29
N LYS A 84 10.05 22.96 -5.71
CA LYS A 84 9.37 22.57 -4.49
C LYS A 84 8.25 21.57 -4.76
N CYS A 85 7.60 21.68 -5.90
CA CYS A 85 6.55 20.74 -6.29
C CYS A 85 7.14 19.33 -6.47
N ILE A 86 8.35 19.25 -7.02
CA ILE A 86 9.00 17.96 -7.23
C ILE A 86 9.32 17.29 -5.90
N GLU A 87 9.86 18.05 -4.96
CA GLU A 87 10.18 17.53 -3.62
C GLU A 87 8.91 16.96 -3.01
N ASN A 88 7.84 17.76 -3.03
CA ASN A 88 6.56 17.31 -2.48
C ASN A 88 6.07 16.06 -3.24
N ASN A 89 6.20 16.07 -4.56
CA ASN A 89 5.73 14.92 -5.34
C ASN A 89 6.55 13.67 -5.09
N ASN A 90 7.81 13.84 -4.70
CA ASN A 90 8.64 12.68 -4.38
C ASN A 90 8.04 12.00 -3.14
N VAL A 91 7.61 12.82 -2.19
CA VAL A 91 7.01 12.32 -0.95
C VAL A 91 5.71 11.57 -1.26
N VAL A 92 4.90 12.13 -2.16
CA VAL A 92 3.65 11.52 -2.58
C VAL A 92 3.91 10.16 -3.23
N ILE A 93 4.71 10.18 -4.30
CA ILE A 93 5.04 8.97 -5.05
C ILE A 93 5.63 7.84 -4.22
N ASN A 94 6.66 8.14 -3.45
CA ASN A 94 7.32 7.13 -2.65
C ASN A 94 6.52 6.63 -1.45
N SER A 95 5.59 7.44 -0.97
CA SER A 95 4.75 7.01 0.13
C SER A 95 3.74 6.02 -0.47
N ALA A 96 3.15 6.41 -1.59
CA ALA A 96 2.16 5.58 -2.28
C ALA A 96 2.71 4.19 -2.56
N LYS A 97 3.97 4.11 -2.95
CA LYS A 97 4.61 2.83 -3.24
C LYS A 97 4.71 1.90 -2.03
N ALA A 98 4.71 2.48 -0.83
CA ALA A 98 4.85 1.69 0.40
C ALA A 98 3.57 1.44 1.20
N MET A 99 2.45 1.92 0.71
CA MET A 99 1.20 1.76 1.43
C MET A 99 0.61 0.36 1.29
N GLY A 100 0.92 -0.29 0.17
CA GLY A 100 0.40 -1.62 -0.07
C GLY A 100 -0.91 -1.51 -0.82
N GLY A 101 -1.18 -2.47 -1.69
CA GLY A 101 -2.41 -2.45 -2.45
C GLY A 101 -2.45 -1.40 -3.55
N ILE A 102 -1.40 -0.61 -3.67
CA ILE A 102 -1.35 0.43 -4.69
C ILE A 102 -0.26 0.12 -5.70
N SER A 103 -0.53 0.43 -6.97
CA SER A 103 0.46 0.19 -8.01
C SER A 103 0.75 1.50 -8.74
N ILE A 104 1.95 2.02 -8.55
CA ILE A 104 2.33 3.28 -9.20
C ILE A 104 3.72 3.20 -9.85
N THR A 105 3.73 2.79 -11.10
CA THR A 105 4.96 2.66 -11.86
C THR A 105 4.87 3.65 -13.02
N ASN A 106 3.69 3.69 -13.63
CA ASN A 106 3.45 4.57 -14.75
C ASN A 106 3.40 6.04 -14.36
N ILE A 107 3.55 6.34 -13.06
CA ILE A 107 3.50 7.73 -12.62
C ILE A 107 4.73 8.19 -11.84
N GLY A 108 5.26 9.34 -12.23
CA GLY A 108 6.45 9.90 -11.58
C GLY A 108 6.17 11.32 -11.10
N ALA A 109 7.07 11.86 -10.27
CA ALA A 109 6.90 13.20 -9.74
C ALA A 109 6.59 14.22 -10.83
N GLY A 110 7.26 14.07 -11.98
CA GLY A 110 7.04 14.99 -13.09
C GLY A 110 5.67 14.86 -13.73
N ASP A 111 5.08 13.68 -13.66
CA ASP A 111 3.76 13.45 -14.23
C ASP A 111 2.72 14.23 -13.42
N ILE A 112 2.91 14.26 -12.10
CA ILE A 112 1.99 14.99 -11.23
C ILE A 112 2.19 16.48 -11.49
N LEU A 113 3.43 16.91 -11.58
CA LEU A 113 3.74 18.32 -11.84
C LEU A 113 3.08 18.80 -13.14
N GLU A 114 2.99 17.92 -14.13
CA GLU A 114 2.40 18.27 -15.42
C GLU A 114 0.88 18.11 -15.45
N GLY A 115 0.31 17.60 -14.37
CA GLY A 115 -1.13 17.41 -14.32
C GLY A 115 -1.67 16.30 -15.21
N ARG A 116 -0.90 15.24 -15.44
CA ARG A 116 -1.35 14.13 -16.28
C ARG A 116 -2.67 13.66 -15.68
N GLU A 117 -3.75 13.78 -16.43
CA GLU A 117 -5.07 13.42 -15.95
C GLU A 117 -5.33 11.95 -15.64
N HIS A 118 -5.00 11.06 -16.57
CA HIS A 118 -5.21 9.63 -16.34
C HIS A 118 -4.33 9.10 -15.23
N LEU A 119 -3.06 9.49 -15.24
CA LEU A 119 -2.12 9.06 -14.22
C LEU A 119 -2.55 9.57 -12.85
N ILE A 120 -2.87 10.86 -12.74
CA ILE A 120 -3.30 11.43 -11.47
C ILE A 120 -4.60 10.77 -10.96
N LEU A 121 -5.62 10.70 -11.82
CA LEU A 121 -6.88 10.10 -11.41
C LEU A 121 -6.66 8.62 -11.08
N GLY A 122 -5.72 7.99 -11.78
CA GLY A 122 -5.41 6.59 -11.54
C GLY A 122 -4.85 6.44 -10.13
N LEU A 123 -3.94 7.35 -9.77
CA LEU A 123 -3.32 7.34 -8.45
C LEU A 123 -4.33 7.73 -7.37
N VAL A 124 -5.25 8.63 -7.72
CA VAL A 124 -6.27 9.06 -6.78
C VAL A 124 -7.13 7.86 -6.38
N TRP A 125 -7.56 7.08 -7.37
CA TRP A 125 -8.37 5.92 -7.10
C TRP A 125 -7.62 4.90 -6.25
N GLN A 126 -6.35 4.65 -6.56
CA GLN A 126 -5.59 3.69 -5.78
C GLN A 126 -5.52 4.13 -4.31
N ILE A 127 -5.31 5.43 -4.09
CA ILE A 127 -5.24 5.95 -2.73
C ILE A 127 -6.60 5.79 -2.02
N ILE A 128 -7.69 6.16 -2.70
CA ILE A 128 -9.04 6.07 -2.15
C ILE A 128 -9.39 4.62 -1.83
N ARG A 129 -9.05 3.73 -2.77
CA ARG A 129 -9.31 2.30 -2.60
C ARG A 129 -8.58 1.73 -1.41
N ARG A 130 -7.32 2.12 -1.24
CA ARG A 130 -6.52 1.63 -0.12
C ARG A 130 -7.11 2.03 1.23
N GLY A 131 -7.81 3.15 1.27
CA GLY A 131 -8.40 3.61 2.52
C GLY A 131 -9.81 3.13 2.85
N LEU A 132 -10.52 2.63 1.84
CA LEU A 132 -11.89 2.16 2.01
C LEU A 132 -12.25 1.40 3.29
N LEU A 133 -11.50 0.34 3.63
CA LEU A 133 -11.83 -0.41 4.85
C LEU A 133 -11.18 0.11 6.13
N GLY A 134 -9.98 0.69 6.02
CA GLY A 134 -9.32 1.21 7.21
C GLY A 134 -8.47 0.21 7.98
N LYS A 135 -8.69 0.14 9.30
CA LYS A 135 -7.94 -0.76 10.18
C LYS A 135 -8.66 -2.07 10.52
N ILE A 136 -8.16 -2.76 11.54
CA ILE A 136 -8.75 -4.02 11.96
C ILE A 136 -9.02 -4.11 13.46
N THR A 153 -7.92 -18.66 8.37
CA THR A 153 -7.48 -17.79 9.47
C THR A 153 -8.02 -16.37 9.28
N LEU A 154 -8.42 -15.75 10.39
CA LEU A 154 -8.95 -14.39 10.35
C LEU A 154 -7.84 -13.39 10.04
N ASP A 155 -6.65 -13.64 10.57
CA ASP A 155 -5.52 -12.77 10.35
C ASP A 155 -5.16 -12.69 8.87
N GLN A 156 -5.38 -13.79 8.16
CA GLN A 156 -5.09 -13.85 6.73
C GLN A 156 -6.21 -13.12 5.98
N PHE A 157 -7.44 -13.36 6.42
CA PHE A 157 -8.61 -12.75 5.81
C PHE A 157 -8.49 -11.22 5.80
N LEU A 158 -8.09 -10.65 6.93
CA LEU A 158 -7.95 -9.21 7.07
C LEU A 158 -6.80 -8.59 6.30
N ARG A 159 -6.02 -9.40 5.59
CA ARG A 159 -4.92 -8.87 4.79
C ARG A 159 -5.22 -9.02 3.31
N LEU A 160 -6.42 -9.52 3.01
CA LEU A 160 -6.86 -9.69 1.64
C LEU A 160 -7.22 -8.33 1.07
N PRO A 161 -7.30 -8.20 -0.26
CA PRO A 161 -7.66 -6.90 -0.82
C PRO A 161 -9.14 -6.62 -0.52
N PRO A 162 -9.56 -5.34 -0.58
CA PRO A 162 -10.95 -4.92 -0.33
C PRO A 162 -12.01 -5.82 -0.98
N GLU A 163 -11.89 -6.02 -2.29
CA GLU A 163 -12.85 -6.84 -3.03
C GLU A 163 -13.04 -8.25 -2.48
N LYS A 164 -11.99 -8.85 -1.92
CA LYS A 164 -12.11 -10.20 -1.41
C LYS A 164 -12.62 -10.32 0.01
N ILE A 165 -12.81 -9.18 0.66
CA ILE A 165 -13.36 -9.19 2.02
C ILE A 165 -14.83 -8.82 1.92
N LEU A 166 -15.13 -7.90 1.01
CA LEU A 166 -16.50 -7.44 0.83
C LEU A 166 -17.40 -8.43 0.10
N LEU A 167 -16.86 -9.15 -0.87
CA LEU A 167 -17.64 -10.13 -1.62
C LEU A 167 -18.17 -11.24 -0.70
N ARG A 168 -17.31 -11.76 0.16
CA ARG A 168 -17.71 -12.80 1.10
C ARG A 168 -18.82 -12.24 2.01
N TRP A 169 -18.64 -11.00 2.43
CA TRP A 169 -19.60 -10.31 3.30
C TRP A 169 -20.94 -10.15 2.60
N PHE A 170 -20.91 -9.51 1.43
CA PHE A 170 -22.10 -9.27 0.63
C PHE A 170 -22.86 -10.60 0.48
N ASN A 171 -22.16 -11.65 0.07
CA ASN A 171 -22.79 -12.95 -0.13
C ASN A 171 -23.28 -13.59 1.16
N TYR A 172 -22.57 -13.36 2.26
CA TYR A 172 -23.00 -13.90 3.54
C TYR A 172 -24.44 -13.45 3.80
N HIS A 173 -24.73 -12.19 3.47
CA HIS A 173 -26.07 -11.65 3.68
C HIS A 173 -27.09 -12.13 2.65
N LEU A 174 -26.72 -12.13 1.37
CA LEU A 174 -27.66 -12.60 0.34
C LEU A 174 -28.07 -14.03 0.66
N LYS A 175 -27.12 -14.81 1.18
CA LYS A 175 -27.42 -16.19 1.51
C LYS A 175 -28.38 -16.23 2.69
N ALA A 176 -28.19 -15.33 3.64
CA ALA A 176 -29.05 -15.27 4.82
C ALA A 176 -30.44 -14.81 4.41
N ALA A 177 -30.50 -13.97 3.39
CA ALA A 177 -31.78 -13.47 2.89
C ALA A 177 -32.45 -14.49 1.97
N ASN A 178 -31.88 -15.68 1.90
CA ASN A 178 -32.41 -16.75 1.05
C ASN A 178 -32.66 -16.22 -0.36
N TRP A 179 -31.66 -15.53 -0.91
CA TRP A 179 -31.73 -14.97 -2.25
C TRP A 179 -30.90 -15.87 -3.17
N PRO A 180 -31.49 -16.33 -4.29
CA PRO A 180 -30.81 -17.22 -5.24
C PRO A 180 -29.62 -16.61 -5.98
N ARG A 181 -29.45 -15.29 -5.89
CA ARG A 181 -28.33 -14.66 -6.57
C ARG A 181 -27.11 -14.52 -5.71
N THR A 182 -25.95 -14.56 -6.34
CA THR A 182 -24.71 -14.43 -5.63
C THR A 182 -23.90 -13.34 -6.32
N VAL A 183 -22.96 -12.74 -5.59
CA VAL A 183 -22.13 -11.68 -6.13
C VAL A 183 -20.67 -12.10 -6.25
N SER A 184 -20.06 -11.84 -7.40
CA SER A 184 -18.65 -12.19 -7.59
C SER A 184 -17.84 -11.03 -8.14
N ASN A 185 -18.50 -9.88 -8.27
CA ASN A 185 -17.85 -8.67 -8.75
C ASN A 185 -18.72 -7.47 -8.37
N PHE A 186 -18.24 -6.27 -8.69
CA PHE A 186 -18.98 -5.07 -8.37
C PHE A 186 -19.33 -4.32 -9.65
N SER A 187 -19.65 -5.06 -10.70
CA SER A 187 -20.03 -4.45 -11.96
C SER A 187 -21.34 -5.10 -12.44
N LYS A 188 -21.23 -6.15 -13.24
CA LYS A 188 -22.41 -6.83 -13.76
C LYS A 188 -23.33 -7.35 -12.65
N ASP A 189 -22.76 -8.00 -11.64
CA ASP A 189 -23.54 -8.58 -10.55
C ASP A 189 -24.35 -7.62 -9.67
N VAL A 190 -24.06 -6.32 -9.72
CA VAL A 190 -24.80 -5.37 -8.90
C VAL A 190 -25.47 -4.31 -9.75
N SER A 191 -25.24 -4.37 -11.05
CA SER A 191 -25.77 -3.38 -11.97
C SER A 191 -27.28 -3.28 -12.17
N ASP A 192 -28.07 -4.28 -11.75
CA ASP A 192 -29.51 -4.15 -11.96
C ASP A 192 -30.25 -3.73 -10.70
N GLY A 193 -29.49 -3.47 -9.64
CA GLY A 193 -30.07 -3.02 -8.39
C GLY A 193 -30.78 -4.03 -7.51
N GLU A 194 -30.91 -5.26 -7.98
CA GLU A 194 -31.57 -6.32 -7.20
C GLU A 194 -30.79 -6.77 -5.99
N ASN A 195 -29.53 -7.13 -6.19
CA ASN A 195 -28.72 -7.59 -5.07
C ASN A 195 -28.55 -6.52 -4.00
N TYR A 196 -28.43 -5.26 -4.42
CA TYR A 196 -28.30 -4.16 -3.47
C TYR A 196 -29.58 -4.05 -2.64
N THR A 197 -30.72 -4.12 -3.32
CA THR A 197 -32.02 -4.04 -2.63
C THR A 197 -32.17 -5.13 -1.58
N VAL A 198 -31.83 -6.37 -1.93
CA VAL A 198 -31.93 -7.48 -0.98
C VAL A 198 -30.94 -7.25 0.17
N LEU A 199 -29.73 -6.81 -0.17
CA LEU A 199 -28.70 -6.54 0.85
C LEU A 199 -29.21 -5.50 1.85
N LEU A 200 -29.67 -4.36 1.34
CA LEU A 200 -30.17 -3.30 2.21
C LEU A 200 -31.36 -3.75 3.06
N ASN A 201 -32.23 -4.57 2.48
CA ASN A 201 -33.38 -5.08 3.20
C ASN A 201 -32.95 -6.09 4.25
N GLN A 202 -31.85 -6.78 3.99
CA GLN A 202 -31.33 -7.77 4.90
C GLN A 202 -30.63 -7.05 6.06
N LEU A 203 -29.92 -5.97 5.75
CA LEU A 203 -29.20 -5.20 6.76
C LEU A 203 -30.09 -4.37 7.68
N ALA A 204 -31.17 -3.81 7.14
CA ALA A 204 -32.08 -2.98 7.94
C ALA A 204 -33.53 -3.14 7.46
N PRO A 205 -34.16 -4.29 7.78
CA PRO A 205 -35.55 -4.57 7.38
C PRO A 205 -36.53 -3.45 7.69
N GLU A 206 -36.19 -2.63 8.68
CA GLU A 206 -37.06 -1.54 9.12
C GLU A 206 -37.12 -0.27 8.27
N LEU A 207 -36.09 -0.01 7.47
CA LEU A 207 -36.08 1.19 6.63
C LEU A 207 -36.03 0.88 5.15
N CYS A 208 -35.53 -0.30 4.80
CA CYS A 208 -35.42 -0.70 3.40
C CYS A 208 -36.22 -1.95 3.09
N SER A 209 -37.11 -1.83 2.12
CA SER A 209 -37.97 -2.94 1.71
C SER A 209 -37.51 -3.51 0.37
N ARG A 210 -38.18 -4.58 -0.07
CA ARG A 210 -37.85 -5.20 -1.35
C ARG A 210 -38.72 -4.64 -2.47
N ALA A 211 -39.43 -3.55 -2.20
CA ALA A 211 -40.30 -2.94 -3.19
C ALA A 211 -39.59 -2.58 -4.51
N PRO A 212 -38.34 -2.09 -4.43
CA PRO A 212 -37.64 -1.75 -5.67
C PRO A 212 -37.57 -2.92 -6.66
N LEU A 213 -37.58 -4.13 -6.12
CA LEU A 213 -37.54 -5.31 -6.97
C LEU A 213 -38.70 -5.30 -7.96
N GLN A 214 -39.79 -4.63 -7.58
CA GLN A 214 -41.00 -4.53 -8.40
C GLN A 214 -40.95 -3.44 -9.48
N THR A 215 -39.93 -2.59 -9.43
CA THR A 215 -39.78 -1.51 -10.41
C THR A 215 -39.14 -2.11 -11.65
N THR A 216 -39.79 -1.96 -12.80
CA THR A 216 -39.25 -2.52 -14.04
C THR A 216 -38.15 -1.70 -14.69
N ASP A 217 -38.28 -0.37 -14.67
CA ASP A 217 -37.22 0.46 -15.25
C ASP A 217 -36.01 0.36 -14.32
N VAL A 218 -34.93 -0.24 -14.82
CA VAL A 218 -33.71 -0.43 -14.03
C VAL A 218 -33.08 0.89 -13.57
N LEU A 219 -33.21 1.92 -14.39
CA LEU A 219 -32.63 3.21 -14.03
C LEU A 219 -33.39 3.79 -12.85
N GLN A 220 -34.70 3.57 -12.80
CA GLN A 220 -35.51 4.07 -11.70
C GLN A 220 -35.27 3.24 -10.46
N ARG A 221 -35.07 1.94 -10.65
CA ARG A 221 -34.82 1.07 -9.52
C ARG A 221 -33.51 1.47 -8.85
N ALA A 222 -32.51 1.81 -9.67
CA ALA A 222 -31.21 2.22 -9.17
C ALA A 222 -31.33 3.46 -8.28
N GLU A 223 -32.21 4.38 -8.69
CA GLU A 223 -32.42 5.60 -7.92
C GLU A 223 -33.11 5.28 -6.60
N GLN A 224 -34.08 4.37 -6.65
CA GLN A 224 -34.80 3.97 -5.46
C GLN A 224 -33.87 3.28 -4.49
N VAL A 225 -32.92 2.50 -5.03
CA VAL A 225 -31.96 1.80 -4.18
C VAL A 225 -31.09 2.79 -3.44
N LEU A 226 -30.66 3.84 -4.14
CA LEU A 226 -29.79 4.83 -3.54
C LEU A 226 -30.56 5.69 -2.55
N GLN A 227 -31.88 5.78 -2.72
CA GLN A 227 -32.70 6.56 -1.79
C GLN A 227 -32.78 5.72 -0.52
N ASN A 228 -32.82 4.40 -0.67
CA ASN A 228 -32.85 3.50 0.47
C ASN A 228 -31.51 3.53 1.17
N ALA A 229 -30.48 3.94 0.42
CA ALA A 229 -29.14 4.03 0.96
C ALA A 229 -29.02 5.24 1.89
N GLU A 230 -29.70 6.33 1.54
CA GLU A 230 -29.66 7.54 2.35
C GLU A 230 -30.26 7.34 3.73
N LYS A 231 -31.18 6.38 3.85
CA LYS A 231 -31.81 6.12 5.13
C LYS A 231 -30.75 5.62 6.14
N LEU A 232 -29.66 5.05 5.61
CA LEU A 232 -28.58 4.55 6.46
C LEU A 232 -27.39 5.48 6.36
N ASP A 233 -27.58 6.59 5.64
CA ASP A 233 -26.53 7.57 5.41
C ASP A 233 -25.39 6.93 4.61
N CYS A 234 -25.75 6.03 3.70
CA CYS A 234 -24.76 5.35 2.87
C CYS A 234 -24.88 5.63 1.38
N ARG A 235 -25.50 6.77 1.02
CA ARG A 235 -25.60 7.10 -0.39
C ARG A 235 -24.32 7.85 -0.77
N LYS A 236 -23.23 7.11 -0.82
CA LYS A 236 -21.93 7.68 -1.15
C LYS A 236 -21.30 7.02 -2.38
N TYR A 237 -20.62 7.84 -3.18
CA TYR A 237 -19.91 7.41 -4.39
C TYR A 237 -20.75 6.98 -5.60
N LEU A 238 -21.76 6.15 -5.36
CA LEU A 238 -22.59 5.60 -6.44
C LEU A 238 -23.79 6.43 -6.91
N THR A 239 -23.96 6.48 -8.22
CA THR A 239 -25.09 7.20 -8.82
C THR A 239 -25.92 6.18 -9.59
N PRO A 240 -27.19 6.52 -9.87
CA PRO A 240 -28.05 5.59 -10.62
C PRO A 240 -27.41 5.12 -11.92
N THR A 241 -26.82 6.05 -12.65
CA THR A 241 -26.17 5.75 -13.93
C THR A 241 -24.89 4.94 -13.74
N ALA A 242 -24.13 5.23 -12.69
CA ALA A 242 -22.89 4.50 -12.43
C ALA A 242 -23.22 3.08 -11.99
N MET A 243 -24.37 2.92 -11.35
CA MET A 243 -24.80 1.60 -10.90
C MET A 243 -25.15 0.72 -12.09
N VAL A 244 -26.04 1.23 -12.94
CA VAL A 244 -26.48 0.50 -14.12
C VAL A 244 -25.33 0.28 -15.09
N ALA A 245 -24.36 1.18 -15.08
CA ALA A 245 -23.20 1.06 -15.96
C ALA A 245 -22.22 0.04 -15.40
N GLY A 246 -22.45 -0.39 -14.16
CA GLY A 246 -21.56 -1.37 -13.54
C GLY A 246 -20.14 -0.88 -13.27
N ASN A 247 -20.00 0.39 -12.90
CA ASN A 247 -18.68 0.92 -12.62
C ASN A 247 -18.06 0.20 -11.42
N PRO A 248 -16.99 -0.58 -11.67
CA PRO A 248 -16.29 -1.35 -10.64
C PRO A 248 -15.84 -0.53 -9.43
N LYS A 249 -15.29 0.64 -9.69
CA LYS A 249 -14.78 1.52 -8.64
C LYS A 249 -15.87 2.15 -7.78
N LEU A 250 -16.79 2.87 -8.40
CA LEU A 250 -17.84 3.52 -7.65
C LEU A 250 -18.71 2.52 -6.89
N ASN A 251 -18.95 1.35 -7.48
CA ASN A 251 -19.76 0.34 -6.81
C ASN A 251 -18.98 -0.29 -5.65
N LEU A 252 -17.68 -0.47 -5.82
CA LEU A 252 -16.86 -1.04 -4.76
C LEU A 252 -16.84 -0.06 -3.57
N ALA A 253 -16.64 1.22 -3.86
CA ALA A 253 -16.58 2.23 -2.81
C ALA A 253 -17.90 2.27 -2.05
N PHE A 254 -19.00 2.24 -2.79
CA PHE A 254 -20.34 2.23 -2.22
C PHE A 254 -20.44 1.09 -1.22
N VAL A 255 -20.16 -0.13 -1.68
CA VAL A 255 -20.23 -1.32 -0.82
C VAL A 255 -19.29 -1.22 0.39
N ALA A 256 -18.12 -0.64 0.19
CA ALA A 256 -17.16 -0.50 1.28
C ALA A 256 -17.72 0.34 2.42
N HIS A 257 -18.26 1.50 2.08
CA HIS A 257 -18.83 2.39 3.08
C HIS A 257 -20.01 1.76 3.82
N LEU A 258 -20.84 1.03 3.07
CA LEU A 258 -22.01 0.37 3.64
C LEU A 258 -21.52 -0.66 4.66
N PHE A 259 -20.39 -1.28 4.36
CA PHE A 259 -19.81 -2.29 5.24
C PHE A 259 -19.23 -1.66 6.50
N ASN A 260 -18.66 -0.46 6.37
CA ASN A 260 -18.05 0.20 7.52
C ASN A 260 -19.08 0.71 8.52
N THR A 261 -20.25 1.11 8.03
CA THR A 261 -21.26 1.64 8.91
C THR A 261 -22.35 0.64 9.31
N HIS A 262 -22.53 -0.41 8.52
CA HIS A 262 -23.57 -1.40 8.80
C HIS A 262 -23.15 -2.85 8.56
N PRO A 263 -22.10 -3.31 9.23
CA PRO A 263 -21.62 -4.70 9.09
C PRO A 263 -22.76 -5.71 9.14
N GLY A 264 -23.72 -5.47 10.03
CA GLY A 264 -24.85 -6.37 10.17
C GLY A 264 -24.48 -7.76 10.67
N LEU A 265 -23.46 -7.83 11.51
CA LEU A 265 -23.01 -9.12 12.06
C LEU A 265 -23.29 -9.10 13.55
N GLU A 266 -23.81 -10.21 14.07
CA GLU A 266 -24.14 -10.32 15.48
C GLU A 266 -22.99 -10.80 16.36
N PRO A 267 -22.64 -10.01 17.39
CA PRO A 267 -21.56 -10.33 18.33
C PRO A 267 -21.70 -11.72 18.96
N ALA A 281 6.56 -10.94 16.48
CA ALA A 281 6.60 -9.48 16.42
C ALA A 281 7.56 -9.01 15.33
N GLU A 282 8.86 -9.27 15.52
CA GLU A 282 9.85 -8.89 14.52
C GLU A 282 9.65 -9.72 13.26
N GLY A 283 9.32 -10.99 13.45
CA GLY A 283 9.08 -11.87 12.32
C GLY A 283 7.93 -11.40 11.46
N GLU A 284 6.84 -10.96 12.10
CA GLU A 284 5.68 -10.48 11.35
C GLU A 284 6.00 -9.21 10.59
N ARG A 285 6.77 -8.32 11.20
CA ARG A 285 7.13 -7.06 10.54
C ARG A 285 7.98 -7.32 9.30
N GLU A 286 8.98 -8.18 9.43
CA GLU A 286 9.84 -8.50 8.29
C GLU A 286 8.97 -9.04 7.17
N ALA A 287 8.05 -9.93 7.53
CA ALA A 287 7.15 -10.55 6.56
C ALA A 287 6.36 -9.48 5.79
N ARG A 288 5.83 -8.49 6.52
CA ARG A 288 5.06 -7.42 5.89
C ARG A 288 5.94 -6.51 5.03
N VAL A 289 7.18 -6.27 5.47
CA VAL A 289 8.11 -5.44 4.71
C VAL A 289 8.54 -6.17 3.43
N PHE A 290 8.86 -7.46 3.57
CA PHE A 290 9.28 -8.27 2.43
C PHE A 290 8.12 -8.42 1.45
N THR A 291 6.91 -8.51 1.98
CA THR A 291 5.72 -8.64 1.13
C THR A 291 5.59 -7.40 0.26
N LEU A 292 5.75 -6.22 0.87
CA LEU A 292 5.66 -4.98 0.12
C LEU A 292 6.77 -4.96 -0.93
N TRP A 293 7.97 -5.34 -0.52
CA TRP A 293 9.09 -5.34 -1.45
C TRP A 293 8.87 -6.26 -2.66
N LEU A 294 8.62 -7.54 -2.39
CA LEU A 294 8.38 -8.47 -3.49
C LEU A 294 7.22 -8.02 -4.37
N ASN A 295 6.14 -7.52 -3.77
CA ASN A 295 4.99 -7.07 -4.57
C ASN A 295 5.41 -5.88 -5.43
N SER A 296 6.38 -5.11 -4.96
CA SER A 296 6.86 -3.95 -5.70
C SER A 296 7.55 -4.39 -6.98
N LEU A 297 7.97 -5.64 -7.02
CA LEU A 297 8.64 -6.19 -8.20
C LEU A 297 7.60 -6.71 -9.18
N ASP A 298 6.34 -6.54 -8.80
CA ASP A 298 5.19 -6.95 -9.60
C ASP A 298 4.98 -8.46 -9.83
N VAL A 299 5.20 -9.30 -8.81
CA VAL A 299 4.99 -10.75 -8.95
C VAL A 299 3.51 -10.96 -9.16
N THR A 300 3.11 -11.84 -10.09
CA THR A 300 1.69 -12.06 -10.42
C THR A 300 0.66 -12.07 -9.28
N PRO A 301 0.35 -13.24 -8.69
CA PRO A 301 -0.64 -13.10 -7.62
C PRO A 301 0.00 -12.29 -6.53
N SER A 302 -0.39 -11.04 -6.38
CA SER A 302 0.19 -10.21 -5.33
C SER A 302 0.12 -11.03 -4.06
N ILE A 303 1.09 -10.82 -3.18
CA ILE A 303 1.13 -11.56 -1.92
C ILE A 303 0.24 -10.96 -0.84
N HIS A 304 -0.50 -11.82 -0.14
CA HIS A 304 -1.36 -11.37 0.96
C HIS A 304 -1.17 -12.23 2.19
N ASP A 305 -0.32 -13.25 2.03
CA ASP A 305 0.02 -14.19 3.11
C ASP A 305 1.42 -14.73 2.82
N PHE A 306 2.42 -14.00 3.28
CA PHE A 306 3.84 -14.33 3.09
C PHE A 306 4.25 -15.77 3.43
N PHE A 307 3.73 -16.29 4.54
CA PHE A 307 4.11 -17.62 4.96
C PHE A 307 3.41 -18.78 4.25
N ASN A 308 2.62 -18.48 3.24
CA ASN A 308 1.95 -19.51 2.46
C ASN A 308 2.07 -19.27 0.97
N ASN A 309 2.11 -18.01 0.56
CA ASN A 309 2.18 -17.67 -0.85
C ASN A 309 3.50 -17.97 -1.58
N LEU A 310 4.56 -18.34 -0.85
CA LEU A 310 5.85 -18.64 -1.49
C LEU A 310 6.14 -20.14 -1.51
N ARG A 311 5.22 -20.93 -0.97
CA ARG A 311 5.44 -22.38 -0.90
C ARG A 311 5.59 -23.15 -2.21
N ASP A 312 4.94 -22.71 -3.29
CA ASP A 312 5.11 -23.44 -4.54
C ASP A 312 6.27 -22.89 -5.37
N GLY A 313 7.02 -21.97 -4.79
CA GLY A 313 8.18 -21.40 -5.44
C GLY A 313 8.04 -20.47 -6.62
N LEU A 314 6.81 -20.29 -7.12
CA LEU A 314 6.58 -19.45 -8.27
C LEU A 314 6.86 -17.97 -8.04
N ILE A 315 6.45 -17.46 -6.88
CA ILE A 315 6.68 -16.07 -6.53
C ILE A 315 8.18 -15.78 -6.47
N LEU A 316 8.92 -16.65 -5.78
CA LEU A 316 10.37 -16.46 -5.66
C LEU A 316 11.05 -16.49 -7.03
N LEU A 317 10.66 -17.44 -7.88
CA LEU A 317 11.24 -17.56 -9.19
C LEU A 317 10.97 -16.31 -10.03
N GLN A 318 9.77 -15.74 -9.90
CA GLN A 318 9.46 -14.52 -10.64
C GLN A 318 10.37 -13.39 -10.17
N ALA A 319 10.57 -13.28 -8.86
CA ALA A 319 11.40 -12.24 -8.28
C ALA A 319 12.81 -12.30 -8.88
N TYR A 320 13.40 -13.50 -8.93
CA TYR A 320 14.73 -13.66 -9.51
C TYR A 320 14.81 -13.07 -10.90
N ASP A 321 13.78 -13.33 -11.71
CA ASP A 321 13.72 -12.85 -13.09
C ASP A 321 13.49 -11.35 -13.18
N LYS A 322 12.73 -10.80 -12.24
CA LYS A 322 12.45 -9.37 -12.22
C LYS A 322 13.72 -8.61 -11.86
N ILE A 323 14.54 -9.21 -11.01
CA ILE A 323 15.79 -8.61 -10.56
C ILE A 323 16.90 -8.84 -11.59
N THR A 324 16.88 -9.99 -12.23
CA THR A 324 17.88 -10.34 -13.25
C THR A 324 17.20 -11.10 -14.38
N PRO A 325 16.75 -10.37 -15.42
CA PRO A 325 16.09 -10.99 -16.57
C PRO A 325 16.88 -12.17 -17.13
N ASN A 326 16.16 -13.18 -17.60
CA ASN A 326 16.75 -14.38 -18.17
C ASN A 326 17.55 -15.20 -17.16
N THR A 327 17.11 -15.22 -15.91
CA THR A 327 17.80 -16.00 -14.91
C THR A 327 17.12 -17.37 -14.81
N VAL A 328 15.80 -17.36 -14.91
CA VAL A 328 15.02 -18.58 -14.81
C VAL A 328 14.62 -19.26 -16.12
N ASN A 329 14.87 -20.56 -16.20
CA ASN A 329 14.48 -21.34 -17.36
C ASN A 329 13.10 -21.87 -17.00
N TRP A 330 12.07 -21.15 -17.41
CA TRP A 330 10.70 -21.57 -17.09
C TRP A 330 10.24 -22.91 -17.68
N LYS A 331 11.04 -23.50 -18.54
CA LYS A 331 10.67 -24.80 -19.12
C LYS A 331 10.95 -25.87 -18.08
N LYS A 332 11.69 -25.49 -17.04
CA LYS A 332 12.03 -26.41 -15.96
C LYS A 332 11.17 -26.17 -14.72
N VAL A 333 10.25 -25.22 -14.81
CA VAL A 333 9.37 -24.85 -13.70
C VAL A 333 7.96 -25.45 -13.79
N ASN A 334 7.43 -25.90 -12.64
CA ASN A 334 6.08 -26.45 -12.60
C ASN A 334 5.09 -25.31 -12.37
N LYS A 335 4.07 -25.25 -13.22
CA LYS A 335 3.06 -24.20 -13.14
C LYS A 335 1.94 -24.48 -12.14
N ALA A 336 1.31 -23.42 -11.64
CA ALA A 336 0.21 -23.58 -10.70
C ALA A 336 -0.94 -24.28 -11.45
N PRO A 337 -1.58 -25.26 -10.80
CA PRO A 337 -2.69 -26.01 -11.40
C PRO A 337 -3.87 -25.13 -11.81
N ALA A 338 -4.27 -25.22 -13.07
CA ALA A 338 -5.38 -24.43 -13.60
C ALA A 338 -6.66 -24.69 -12.82
N SER A 339 -6.80 -25.91 -12.31
CA SER A 339 -7.96 -26.32 -11.54
C SER A 339 -8.09 -25.55 -10.23
N GLY A 340 -7.05 -24.82 -9.86
CA GLY A 340 -7.10 -24.05 -8.63
C GLY A 340 -6.60 -24.82 -7.41
N ASP A 341 -6.37 -26.13 -7.57
CA ASP A 341 -5.88 -26.93 -6.45
C ASP A 341 -4.43 -26.58 -6.15
N GLU A 342 -3.97 -26.97 -4.98
CA GLU A 342 -2.58 -26.71 -4.59
C GLU A 342 -1.67 -27.57 -5.46
N MET A 343 -0.53 -27.02 -5.83
CA MET A 343 0.44 -27.74 -6.64
C MET A 343 0.83 -29.02 -5.88
N MET A 344 1.12 -30.09 -6.60
CA MET A 344 1.52 -31.32 -5.94
C MET A 344 2.81 -31.01 -5.18
N ARG A 345 2.97 -31.63 -4.02
CA ARG A 345 4.16 -31.35 -3.22
C ARG A 345 5.49 -31.51 -3.91
N PHE A 346 5.72 -32.66 -4.54
CA PHE A 346 7.01 -32.88 -5.20
C PHE A 346 7.27 -31.80 -6.25
N LYS A 347 6.22 -31.28 -6.86
CA LYS A 347 6.39 -30.23 -7.86
C LYS A 347 6.79 -28.90 -7.20
N ALA A 348 6.20 -28.59 -6.05
CA ALA A 348 6.54 -27.35 -5.37
C ALA A 348 7.97 -27.43 -4.84
N VAL A 349 8.37 -28.62 -4.39
CA VAL A 349 9.71 -28.82 -3.87
C VAL A 349 10.74 -28.67 -4.98
N GLU A 350 10.41 -29.13 -6.18
CA GLU A 350 11.32 -28.97 -7.31
C GLU A 350 11.47 -27.48 -7.57
N ASN A 351 10.34 -26.76 -7.60
CA ASN A 351 10.36 -25.32 -7.84
C ASN A 351 11.18 -24.62 -6.78
N CYS A 352 11.02 -25.01 -5.52
CA CYS A 352 11.75 -24.37 -4.44
C CYS A 352 13.22 -24.76 -4.43
N ASN A 353 13.54 -26.01 -4.79
CA ASN A 353 14.94 -26.44 -4.84
C ASN A 353 15.68 -25.60 -5.89
N TYR A 354 14.98 -25.31 -6.98
CA TYR A 354 15.53 -24.51 -8.07
C TYR A 354 15.75 -23.07 -7.58
N ALA A 355 14.76 -22.53 -6.87
CA ALA A 355 14.85 -21.18 -6.35
C ALA A 355 16.05 -21.02 -5.43
N VAL A 356 16.27 -22.02 -4.57
CA VAL A 356 17.39 -21.99 -3.62
C VAL A 356 18.74 -22.04 -4.36
N ASP A 357 18.84 -22.89 -5.38
CA ASP A 357 20.08 -22.99 -6.15
C ASP A 357 20.39 -21.70 -6.90
N LEU A 358 19.37 -21.05 -7.46
CA LEU A 358 19.59 -19.80 -8.17
C LEU A 358 20.13 -18.76 -7.20
N GLY A 359 19.78 -18.93 -5.92
CA GLY A 359 20.24 -18.03 -4.89
C GLY A 359 21.69 -18.33 -4.58
N LYS A 360 22.02 -19.62 -4.49
CA LYS A 360 23.37 -20.02 -4.21
C LYS A 360 24.28 -19.55 -5.35
N ASN A 361 23.82 -19.71 -6.59
CA ASN A 361 24.60 -19.28 -7.74
C ASN A 361 24.90 -17.79 -7.68
N GLN A 362 23.94 -17.03 -7.19
CA GLN A 362 24.08 -15.58 -7.09
C GLN A 362 24.88 -15.11 -5.88
N GLY A 363 25.41 -16.04 -5.11
CA GLY A 363 26.20 -15.67 -3.95
C GLY A 363 25.46 -15.60 -2.63
N PHE A 364 24.16 -15.88 -2.62
CA PHE A 364 23.39 -15.85 -1.38
C PHE A 364 24.02 -16.81 -0.36
N SER A 365 23.77 -16.54 0.92
CA SER A 365 24.25 -17.43 1.96
C SER A 365 23.00 -18.23 2.35
N LEU A 366 22.90 -19.46 1.85
CA LEU A 366 21.74 -20.32 2.12
C LEU A 366 22.13 -21.73 2.57
N VAL A 367 23.36 -21.90 3.02
CA VAL A 367 23.86 -23.21 3.44
C VAL A 367 22.91 -24.10 4.25
N GLY A 368 22.16 -23.54 5.19
CA GLY A 368 21.26 -24.37 5.97
C GLY A 368 19.81 -24.42 5.51
N ILE A 369 19.55 -23.92 4.31
CA ILE A 369 18.19 -23.88 3.79
C ILE A 369 17.99 -24.85 2.63
N GLN A 370 16.81 -25.45 2.57
CA GLN A 370 16.50 -26.37 1.49
C GLN A 370 15.16 -26.08 0.88
N GLY A 371 14.99 -26.51 -0.37
CA GLY A 371 13.75 -26.28 -1.09
C GLY A 371 12.53 -26.62 -0.26
N ALA A 372 12.52 -27.83 0.28
CA ALA A 372 11.41 -28.32 1.08
C ALA A 372 11.07 -27.38 2.24
N ASP A 373 12.07 -26.74 2.83
CA ASP A 373 11.81 -25.83 3.95
C ASP A 373 10.88 -24.70 3.52
N ILE A 374 11.06 -24.23 2.29
CA ILE A 374 10.24 -23.15 1.79
C ILE A 374 8.87 -23.72 1.48
N THR A 375 8.85 -24.91 0.90
CA THR A 375 7.58 -25.55 0.54
C THR A 375 6.74 -25.82 1.78
N ASP A 376 7.39 -26.16 2.88
CA ASP A 376 6.66 -26.45 4.11
C ASP A 376 6.33 -25.22 4.93
N GLY A 377 6.67 -24.05 4.40
CA GLY A 377 6.40 -22.80 5.09
C GLY A 377 7.25 -22.45 6.30
N SER A 378 8.50 -22.88 6.33
CA SER A 378 9.38 -22.55 7.44
C SER A 378 9.39 -21.04 7.60
N ARG A 379 9.02 -20.56 8.78
CA ARG A 379 8.99 -19.12 8.99
C ARG A 379 10.38 -18.52 8.92
N THR A 380 11.27 -19.05 9.76
CA THR A 380 12.63 -18.57 9.84
C THR A 380 13.42 -18.74 8.55
N LEU A 381 13.26 -19.88 7.88
CA LEU A 381 14.01 -20.10 6.66
C LEU A 381 13.42 -19.39 5.44
N THR A 382 12.11 -19.14 5.43
CA THR A 382 11.50 -18.43 4.31
C THR A 382 11.92 -16.96 4.40
N LEU A 383 11.94 -16.42 5.62
CA LEU A 383 12.36 -15.04 5.83
C LEU A 383 13.84 -14.90 5.50
N ALA A 384 14.63 -15.90 5.88
CA ALA A 384 16.06 -15.87 5.63
C ALA A 384 16.38 -15.84 4.13
N LEU A 385 15.66 -16.65 3.36
CA LEU A 385 15.90 -16.69 1.91
C LEU A 385 15.49 -15.36 1.25
N VAL A 386 14.32 -14.85 1.58
CA VAL A 386 13.92 -13.58 0.97
C VAL A 386 14.89 -12.48 1.39
N TRP A 387 15.31 -12.49 2.66
CA TRP A 387 16.25 -11.49 3.14
C TRP A 387 17.53 -11.53 2.30
N GLN A 388 18.06 -12.72 2.05
CA GLN A 388 19.28 -12.81 1.24
C GLN A 388 19.05 -12.19 -0.13
N MET A 389 17.86 -12.38 -0.68
CA MET A 389 17.53 -11.80 -1.98
C MET A 389 17.52 -10.27 -1.87
N MET A 390 16.87 -9.75 -0.84
CA MET A 390 16.82 -8.31 -0.65
C MET A 390 18.22 -7.76 -0.39
N ARG A 391 18.97 -8.45 0.46
CA ARG A 391 20.32 -8.01 0.82
C ARG A 391 21.28 -7.96 -0.36
N MET A 392 21.26 -9.00 -1.19
CA MET A 392 22.15 -9.04 -2.35
C MET A 392 21.77 -7.94 -3.32
N ASN A 393 20.48 -7.68 -3.45
CA ASN A 393 20.00 -6.64 -4.35
C ASN A 393 20.58 -5.28 -3.93
N ILE A 394 20.64 -5.03 -2.62
CA ILE A 394 21.20 -3.78 -2.10
C ILE A 394 22.68 -3.67 -2.51
N THR A 395 23.42 -4.76 -2.36
CA THR A 395 24.84 -4.78 -2.70
C THR A 395 25.03 -4.48 -4.20
N LYS A 396 24.27 -5.18 -5.03
CA LYS A 396 24.39 -5.01 -6.48
C LYS A 396 23.91 -3.67 -7.00
N THR A 397 22.80 -3.18 -6.48
CA THR A 397 22.30 -1.89 -6.95
C THR A 397 23.23 -0.76 -6.52
N LEU A 398 23.88 -0.92 -5.37
CA LEU A 398 24.81 0.09 -4.88
C LEU A 398 26.16 -0.05 -5.57
N HIS A 399 26.29 -1.06 -6.41
CA HIS A 399 27.53 -1.28 -7.14
C HIS A 399 27.35 -0.65 -8.52
N SER A 400 26.11 -0.62 -8.99
CA SER A 400 25.78 -0.04 -10.29
C SER A 400 25.93 1.47 -10.23
N THR A 407 31.05 -6.17 -3.08
CA THR A 407 31.66 -6.49 -1.80
C THR A 407 31.30 -5.45 -0.74
N LEU A 408 30.03 -5.13 -0.63
CA LEU A 408 29.57 -4.15 0.35
C LEU A 408 29.13 -4.90 1.61
N SER A 409 29.92 -4.81 2.68
CA SER A 409 29.57 -5.51 3.91
C SER A 409 28.65 -4.67 4.78
N ASP A 410 28.10 -5.30 5.82
CA ASP A 410 27.21 -4.65 6.76
C ASP A 410 28.03 -3.60 7.50
N SER A 411 29.27 -3.95 7.83
CA SER A 411 30.14 -3.02 8.53
C SER A 411 30.38 -1.79 7.65
N ASP A 412 30.57 -2.00 6.34
CA ASP A 412 30.78 -0.87 5.42
C ASP A 412 29.57 0.07 5.46
N MET A 413 28.37 -0.49 5.54
CA MET A 413 27.16 0.33 5.59
C MET A 413 27.07 1.13 6.90
N VAL A 414 27.38 0.47 8.01
CA VAL A 414 27.37 1.12 9.31
C VAL A 414 28.37 2.28 9.32
N ALA A 415 29.54 2.05 8.72
CA ALA A 415 30.60 3.07 8.63
C ALA A 415 30.13 4.25 7.77
N TRP A 416 29.41 3.96 6.69
CA TRP A 416 28.90 5.00 5.81
C TRP A 416 27.87 5.82 6.57
N ALA A 417 26.98 5.13 7.27
CA ALA A 417 25.93 5.78 8.04
C ALA A 417 26.51 6.67 9.14
N ASN A 418 27.55 6.19 9.81
CA ASN A 418 28.18 6.97 10.88
C ASN A 418 28.86 8.23 10.32
N SER A 419 29.53 8.10 9.17
CA SER A 419 30.22 9.23 8.52
C SER A 419 29.23 10.34 8.21
N MET A 420 28.06 9.94 7.68
CA MET A 420 27.00 10.87 7.34
C MET A 420 26.45 11.56 8.60
N ALA A 421 26.20 10.77 9.64
CA ALA A 421 25.67 11.28 10.90
C ALA A 421 26.63 12.22 11.65
N ALA A 422 27.92 12.01 11.47
CA ALA A 422 28.92 12.84 12.14
C ALA A 422 29.06 14.23 11.54
N LYS A 423 28.30 14.52 10.50
CA LYS A 423 28.35 15.83 9.84
C LYS A 423 27.38 16.81 10.48
N GLY A 424 27.55 17.05 11.78
CA GLY A 424 26.69 17.99 12.50
C GLY A 424 25.51 17.33 13.18
N GLY A 425 25.58 16.02 13.39
CA GLY A 425 24.49 15.32 14.02
C GLY A 425 24.26 15.64 15.49
N LYS A 426 23.08 15.32 16.00
CA LYS A 426 22.77 15.59 17.39
C LYS A 426 22.76 14.32 18.24
N GLY A 427 22.63 13.16 17.58
CA GLY A 427 22.61 11.90 18.31
C GLY A 427 24.00 11.30 18.51
N SER A 428 24.04 9.99 18.63
CA SER A 428 25.31 9.28 18.81
C SER A 428 25.65 8.38 17.65
N GLN A 429 26.93 8.05 17.53
CA GLN A 429 27.42 7.16 16.49
C GLN A 429 26.93 5.78 16.90
N ILE A 430 26.77 4.88 15.95
CA ILE A 430 26.30 3.55 16.29
C ILE A 430 27.38 2.47 16.15
N ARG A 431 27.19 1.40 16.90
CA ARG A 431 28.12 0.28 16.88
C ARG A 431 27.80 -0.61 15.69
N SER A 432 26.50 -0.82 15.47
CA SER A 432 26.01 -1.65 14.39
C SER A 432 24.52 -1.40 14.23
N PHE A 433 23.91 -1.99 13.21
CA PHE A 433 22.49 -1.80 12.98
C PHE A 433 21.64 -2.52 14.03
N ARG A 434 22.30 -3.04 15.08
CA ARG A 434 21.60 -3.72 16.17
C ARG A 434 21.74 -2.90 17.44
N ASP A 435 22.43 -1.76 17.33
CA ASP A 435 22.67 -0.89 18.48
C ASP A 435 21.38 -0.27 19.05
N PRO A 436 21.11 -0.53 20.33
CA PRO A 436 19.92 -0.03 21.05
C PRO A 436 19.68 1.48 20.92
N SER A 437 20.76 2.26 20.87
CA SER A 437 20.63 3.71 20.75
C SER A 437 19.77 4.12 19.54
N ILE A 438 19.81 3.33 18.47
CA ILE A 438 19.03 3.63 17.27
C ILE A 438 17.54 3.84 17.54
N SER A 439 17.06 3.31 18.67
CA SER A 439 15.65 3.42 19.06
C SER A 439 15.07 4.83 19.18
N THR A 440 15.92 5.80 19.54
CA THR A 440 15.46 7.17 19.71
C THR A 440 15.09 7.83 18.38
N GLY A 441 15.57 7.23 17.29
CA GLY A 441 15.27 7.76 15.97
C GLY A 441 16.09 8.97 15.60
N VAL A 442 16.99 9.39 16.49
CA VAL A 442 17.85 10.55 16.25
C VAL A 442 18.95 10.23 15.24
N PHE A 443 19.58 9.07 15.40
CA PHE A 443 20.64 8.66 14.49
C PHE A 443 20.20 8.73 13.02
N VAL A 444 19.03 8.19 12.70
CA VAL A 444 18.57 8.22 11.31
C VAL A 444 18.36 9.64 10.80
N LEU A 445 17.92 10.54 11.68
CA LEU A 445 17.73 11.93 11.29
C LEU A 445 19.12 12.57 11.05
N ASP A 446 20.12 12.17 11.84
CA ASP A 446 21.48 12.69 11.66
C ASP A 446 22.07 12.22 10.34
N VAL A 447 21.78 10.97 9.96
CA VAL A 447 22.28 10.42 8.69
C VAL A 447 21.71 11.28 7.57
N LEU A 448 20.40 11.54 7.63
CA LEU A 448 19.72 12.35 6.62
C LEU A 448 20.28 13.76 6.60
N HIS A 449 20.65 14.25 7.77
CA HIS A 449 21.20 15.59 7.90
C HIS A 449 22.56 15.62 7.21
N GLY A 450 23.25 14.50 7.23
CA GLY A 450 24.54 14.45 6.56
C GLY A 450 24.39 14.44 5.04
N ILE A 451 23.30 13.85 4.56
CA ILE A 451 23.04 13.76 3.12
C ILE A 451 22.58 15.09 2.57
N LYS A 452 21.69 15.74 3.30
CA LYS A 452 21.15 17.03 2.90
C LYS A 452 20.80 17.77 4.20
N SER A 453 21.72 18.61 4.67
CA SER A 453 21.50 19.33 5.92
C SER A 453 20.25 20.18 5.94
N GLU A 454 19.91 20.80 4.81
CA GLU A 454 18.74 21.65 4.74
C GLU A 454 17.43 20.93 5.05
N TYR A 455 17.39 19.62 4.82
CA TYR A 455 16.16 18.87 5.06
C TYR A 455 15.90 18.51 6.51
N VAL A 456 16.91 18.62 7.36
CA VAL A 456 16.75 18.27 8.75
C VAL A 456 16.86 19.48 9.68
N ASP A 457 15.71 19.93 10.15
CA ASP A 457 15.61 21.08 11.06
C ASP A 457 15.54 20.47 12.45
N TYR A 458 16.62 20.58 13.22
CA TYR A 458 16.62 19.99 14.54
C TYR A 458 15.61 20.55 15.53
N ASN A 459 14.92 21.62 15.16
CA ASN A 459 13.89 22.18 16.01
C ASN A 459 12.69 21.24 15.94
N LEU A 460 12.64 20.43 14.89
CA LEU A 460 11.57 19.47 14.69
C LEU A 460 11.99 18.08 15.15
N VAL A 461 13.19 17.97 15.73
CA VAL A 461 13.70 16.68 16.19
C VAL A 461 13.65 16.58 17.70
N THR A 462 12.97 15.55 18.20
CA THR A 462 12.87 15.36 19.64
C THR A 462 14.10 14.59 20.08
N ASP A 463 14.14 14.23 21.36
CA ASP A 463 15.26 13.49 21.88
C ASP A 463 14.86 12.01 21.92
N GLY A 464 13.63 11.74 21.45
CA GLY A 464 13.13 10.37 21.43
C GLY A 464 13.23 9.64 22.75
N SER A 465 13.18 10.40 23.86
CA SER A 465 13.27 9.82 25.20
C SER A 465 12.08 8.92 25.54
N THR A 466 11.00 9.07 24.81
CA THR A 466 9.81 8.26 25.03
C THR A 466 9.54 7.53 23.72
N GLU A 467 8.71 6.50 23.76
CA GLU A 467 8.39 5.75 22.56
C GLU A 467 7.67 6.66 21.55
N GLU A 468 6.76 7.48 22.04
CA GLU A 468 6.02 8.38 21.17
C GLU A 468 6.92 9.37 20.47
N LEU A 469 7.88 9.92 21.21
CA LEU A 469 8.79 10.89 20.63
C LEU A 469 9.71 10.20 19.61
N ALA A 470 10.12 8.97 19.90
CA ALA A 470 10.99 8.23 18.99
C ALA A 470 10.26 8.00 17.67
N ILE A 471 9.01 7.52 17.75
CA ILE A 471 8.22 7.26 16.55
C ILE A 471 8.06 8.51 15.68
N GLN A 472 7.93 9.68 16.32
CA GLN A 472 7.80 10.92 15.57
C GLN A 472 9.11 11.22 14.83
N ASN A 473 10.24 10.94 15.48
CA ASN A 473 11.53 11.16 14.85
C ASN A 473 11.66 10.22 13.65
N ALA A 474 11.28 8.97 13.84
CA ALA A 474 11.35 7.95 12.79
C ALA A 474 10.42 8.28 11.62
N ARG A 475 9.21 8.74 11.94
CA ARG A 475 8.23 9.09 10.92
C ARG A 475 8.72 10.28 10.10
N LEU A 476 9.38 11.21 10.76
CA LEU A 476 9.92 12.39 10.10
C LEU A 476 11.07 11.94 9.20
N ALA A 477 11.91 11.04 9.71
CA ALA A 477 13.05 10.55 8.93
C ALA A 477 12.58 9.84 7.66
N ILE A 478 11.57 8.99 7.79
CA ILE A 478 11.04 8.27 6.62
C ILE A 478 10.48 9.21 5.56
N SER A 479 9.73 10.22 5.99
CA SER A 479 9.16 11.18 5.04
C SER A 479 10.26 12.02 4.39
N ILE A 480 11.32 12.32 5.13
CA ILE A 480 12.41 13.12 4.58
C ILE A 480 13.15 12.27 3.52
N ALA A 481 13.33 11.00 3.83
CA ALA A 481 14.01 10.09 2.92
C ALA A 481 13.19 9.98 1.64
N ARG A 482 11.87 9.95 1.78
CA ARG A 482 11.01 9.85 0.62
C ARG A 482 11.10 11.13 -0.21
N LYS A 483 11.28 12.27 0.47
CA LYS A 483 11.40 13.54 -0.25
C LYS A 483 12.68 13.52 -1.09
N LEU A 484 13.67 12.76 -0.66
CA LEU A 484 14.93 12.64 -1.39
C LEU A 484 14.84 11.60 -2.51
N GLY A 485 13.72 10.89 -2.56
CA GLY A 485 13.52 9.87 -3.58
C GLY A 485 13.76 8.44 -3.13
N ALA A 486 13.96 8.24 -1.82
CA ALA A 486 14.22 6.90 -1.29
C ALA A 486 12.98 6.01 -1.30
N VAL A 487 13.16 4.76 -1.72
CA VAL A 487 12.07 3.78 -1.74
C VAL A 487 12.20 3.00 -0.44
N ILE A 488 11.27 3.26 0.48
CA ILE A 488 11.29 2.64 1.80
C ILE A 488 10.03 1.83 2.09
N PHE A 489 10.21 0.60 2.55
CA PHE A 489 9.08 -0.27 2.83
C PHE A 489 8.87 -0.54 4.32
N ILE A 490 9.63 0.13 5.18
CA ILE A 490 9.47 -0.05 6.61
C ILE A 490 8.61 1.05 7.20
N LEU A 491 8.23 0.89 8.46
CA LEU A 491 7.44 1.87 9.20
C LEU A 491 8.31 2.42 10.33
N PRO A 492 7.88 3.54 10.94
CA PRO A 492 8.65 4.13 12.03
C PRO A 492 8.99 3.13 13.14
N GLU A 493 8.02 2.31 13.49
CA GLU A 493 8.19 1.34 14.56
C GLU A 493 9.34 0.36 14.32
N ASP A 494 9.69 0.12 13.07
CA ASP A 494 10.79 -0.81 12.79
C ASP A 494 12.13 -0.22 13.24
N ILE A 495 12.25 1.10 13.15
CA ILE A 495 13.47 1.77 13.59
C ILE A 495 13.45 1.90 15.13
N VAL A 496 12.34 2.33 15.69
CA VAL A 496 12.22 2.48 17.15
C VAL A 496 12.51 1.16 17.88
N ALA A 497 12.05 0.05 17.30
CA ALA A 497 12.27 -1.28 17.88
C ALA A 497 13.65 -1.85 17.46
N VAL A 498 14.36 -1.11 16.63
CA VAL A 498 15.68 -1.52 16.14
C VAL A 498 15.73 -2.93 15.56
N ARG A 499 14.86 -3.20 14.58
CA ARG A 499 14.83 -4.50 13.93
C ARG A 499 15.96 -4.39 12.91
N PRO A 500 17.13 -4.98 13.21
CA PRO A 500 18.35 -4.99 12.40
C PRO A 500 18.24 -5.07 10.88
N ARG A 501 17.55 -6.07 10.35
CA ARG A 501 17.42 -6.18 8.91
C ARG A 501 16.62 -5.02 8.32
N LEU A 502 15.64 -4.55 9.06
CA LEU A 502 14.82 -3.46 8.56
C LEU A 502 15.57 -2.15 8.64
N VAL A 503 16.44 -2.01 9.65
CA VAL A 503 17.23 -0.80 9.77
C VAL A 503 18.21 -0.78 8.59
N LEU A 504 18.80 -1.93 8.27
CA LEU A 504 19.77 -1.97 7.17
C LEU A 504 19.09 -1.65 5.84
N HIS A 505 17.86 -2.14 5.64
CA HIS A 505 17.11 -1.84 4.41
C HIS A 505 16.94 -0.33 4.26
N PHE A 506 16.61 0.33 5.36
CA PHE A 506 16.41 1.78 5.35
C PHE A 506 17.71 2.51 4.96
N ILE A 507 18.81 2.15 5.63
CA ILE A 507 20.10 2.77 5.34
C ILE A 507 20.51 2.51 3.90
N GLY A 508 20.29 1.28 3.43
CA GLY A 508 20.63 0.97 2.06
C GLY A 508 19.86 1.81 1.07
N SER A 509 18.61 2.14 1.41
CA SER A 509 17.80 2.96 0.52
C SER A 509 18.38 4.36 0.47
N LEU A 510 18.97 4.82 1.57
CA LEU A 510 19.55 6.17 1.63
C LEU A 510 20.84 6.25 0.82
N MET A 511 21.62 5.18 0.87
CA MET A 511 22.87 5.15 0.14
C MET A 511 22.63 5.25 -1.37
N ALA A 512 21.40 4.97 -1.79
CA ALA A 512 21.06 4.99 -3.20
C ALA A 512 20.34 6.25 -3.73
N VAL A 513 20.09 7.24 -2.88
CA VAL A 513 19.40 8.44 -3.35
C VAL A 513 20.31 9.41 -4.08
#